data_4MPC
#
_entry.id   4MPC
#
_cell.length_a   110.628
_cell.length_b   110.628
_cell.length_c   228.566
_cell.angle_alpha   90.00
_cell.angle_beta   90.00
_cell.angle_gamma   90.00
#
_symmetry.space_group_name_H-M   'I 41 2 2'
#
loop_
_entity.id
_entity.type
_entity.pdbx_description
1 polymer '[Pyruvate dehydrogenase [lipoamide]] kinase isozyme 2, mitochondrial'
2 non-polymer 'L(+)-TARTARIC ACID'
3 non-polymer 4-(isoindolin-2-ylsulfonyl)benzene-1,3-diol
4 water water
#
_entity_poly.entity_id   1
_entity_poly.type   'polypeptide(L)'
_entity_poly.pdbx_seq_one_letter_code
;SKNASLAGAPKYIEHFSKFSPSPLSMKQFLDFGSSNACEKTSFTFLRQELPVRLANIMKEINLLPDRVLSTPSVQLVQSW
YVQSLLDIMEFLDKDPEDHRTLSQFTDALVTIRNRHNDVVPTMAQGVLEYKDTYGDDPVSNQNIQYFLDRFYLSRISIRM
LINQHTLIFDGSTNPAHPKHIGSIDPNCNVSEVVKDAYDMAKLLCDKYYMASPDLEIQEINAANSKQPIHMVYVPSHLYH
MLFELFKNAMRATVESHESSLILPPIKVMVALGEEDLSIKMSDRGGGVPLRKIERLFSYMYSTAPTPQPGTGGTPLAGFG
YGLPISRLYAKYFQGDLQLFSMEGFGTDAVIYLKALSTDSVERLPVYNKSAWRHYQTIQEAGDWCVPSTEPKNTSTYRVS
;
_entity_poly.pdbx_strand_id   A
#
# COMPACT_ATOMS: atom_id res chain seq x y z
N SER A 5 0.84 28.11 -21.67
CA SER A 5 0.65 28.46 -20.26
C SER A 5 -0.65 27.87 -19.71
N LEU A 6 -0.68 27.58 -18.43
CA LEU A 6 -1.74 26.74 -17.86
C LEU A 6 -2.83 27.54 -17.11
N ALA A 7 -4.02 26.95 -17.03
CA ALA A 7 -5.08 27.46 -16.16
C ALA A 7 -4.65 27.30 -14.71
N GLY A 8 -5.32 28.00 -13.80
CA GLY A 8 -5.07 27.85 -12.38
C GLY A 8 -5.42 26.43 -11.99
N ALA A 9 -4.68 25.87 -11.03
CA ALA A 9 -4.89 24.48 -10.66
C ALA A 9 -6.35 24.10 -10.31
N PRO A 10 -7.07 24.97 -9.58
CA PRO A 10 -8.44 24.56 -9.20
C PRO A 10 -9.33 24.25 -10.40
N LYS A 11 -9.13 24.93 -11.51
CA LYS A 11 -9.94 24.64 -12.68
C LYS A 11 -9.69 23.22 -13.19
N TYR A 12 -8.43 22.77 -13.16
CA TYR A 12 -8.12 21.40 -13.54
C TYR A 12 -8.64 20.41 -12.51
N ILE A 13 -8.48 20.73 -11.23
CA ILE A 13 -8.93 19.81 -10.18
C ILE A 13 -10.45 19.57 -10.31
N GLU A 14 -11.22 20.64 -10.49
CA GLU A 14 -12.67 20.49 -10.66
C GLU A 14 -13.03 19.66 -11.88
N HIS A 15 -12.31 19.89 -12.98
CA HIS A 15 -12.57 19.18 -14.21
C HIS A 15 -12.33 17.68 -14.05
N PHE A 16 -11.16 17.33 -13.55
CA PHE A 16 -10.78 15.92 -13.49
C PHE A 16 -11.40 15.15 -12.34
N SER A 17 -11.84 15.85 -11.31
CA SER A 17 -12.43 15.16 -10.17
C SER A 17 -13.85 14.67 -10.49
N LYS A 18 -14.38 15.10 -11.62
CA LYS A 18 -15.71 14.65 -12.06
C LYS A 18 -15.68 13.21 -12.53
N PHE A 19 -14.52 12.77 -13.00
CA PHE A 19 -14.36 11.40 -13.50
C PHE A 19 -14.04 10.46 -12.36
N SER A 20 -14.40 9.19 -12.54
CA SER A 20 -13.97 8.16 -11.62
C SER A 20 -12.65 7.55 -12.10
N PRO A 21 -11.73 7.26 -11.17
CA PRO A 21 -10.55 6.48 -11.56
C PRO A 21 -10.98 5.18 -12.25
N SER A 22 -10.14 4.67 -13.16
N SER A 22 -10.11 4.67 -13.13
CA SER A 22 -10.43 3.44 -13.87
CA SER A 22 -10.40 3.44 -13.87
C SER A 22 -9.49 2.33 -13.42
C SER A 22 -9.48 2.32 -13.42
N PRO A 23 -10.01 1.38 -12.62
CA PRO A 23 -9.20 0.28 -12.06
C PRO A 23 -8.77 -0.70 -13.14
N LEU A 24 -7.49 -1.07 -13.13
CA LEU A 24 -6.97 -2.07 -14.06
C LEU A 24 -6.73 -3.38 -13.32
N SER A 25 -6.83 -4.50 -14.03
CA SER A 25 -6.51 -5.77 -13.40
C SER A 25 -5.04 -6.09 -13.64
N MET A 26 -4.50 -7.01 -12.85
CA MET A 26 -3.12 -7.44 -13.00
C MET A 26 -2.92 -7.99 -14.40
N LYS A 27 -3.93 -8.69 -14.91
CA LYS A 27 -3.84 -9.23 -16.25
C LYS A 27 -3.75 -8.12 -17.31
N GLN A 28 -4.52 -7.07 -17.14
CA GLN A 28 -4.45 -5.92 -18.05
C GLN A 28 -3.07 -5.28 -18.02
N PHE A 29 -2.51 -5.10 -16.81
CA PHE A 29 -1.17 -4.54 -16.68
C PHE A 29 -0.17 -5.44 -17.42
N LEU A 30 -0.30 -6.75 -17.20
CA LEU A 30 0.65 -7.72 -17.70
C LEU A 30 0.57 -7.85 -19.22
N ASP A 31 -0.64 -7.71 -19.77
CA ASP A 31 -0.84 -7.88 -21.20
C ASP A 31 -0.55 -6.62 -22.01
N PHE A 32 0.06 -5.63 -21.36
CA PHE A 32 0.42 -4.39 -22.05
C PHE A 32 1.82 -4.49 -22.67
N GLY A 33 1.92 -4.11 -23.95
CA GLY A 33 3.15 -4.26 -24.70
C GLY A 33 4.13 -3.10 -24.63
N SER A 34 5.26 -3.25 -25.32
CA SER A 34 6.38 -2.30 -25.22
C SER A 34 6.68 -1.56 -26.52
N SER A 35 5.81 -1.67 -27.51
CA SER A 35 6.05 -1.05 -28.82
C SER A 35 5.76 0.46 -28.78
N ASN A 36 6.18 1.16 -29.83
CA ASN A 36 5.88 2.58 -29.95
C ASN A 36 4.38 2.79 -29.99
N ALA A 37 3.67 1.86 -30.61
CA ALA A 37 2.21 1.89 -30.65
C ALA A 37 1.67 1.83 -29.23
N CYS A 38 2.26 0.95 -28.43
CA CYS A 38 1.86 0.80 -27.04
C CYS A 38 2.24 2.02 -26.20
N GLU A 39 3.39 2.62 -26.48
CA GLU A 39 3.83 3.79 -25.71
C GLU A 39 2.90 4.98 -25.94
N LYS A 40 2.46 5.17 -27.18
CA LYS A 40 1.51 6.24 -27.46
C LYS A 40 0.19 5.99 -26.73
N THR A 41 -0.26 4.74 -26.71
CA THR A 41 -1.49 4.37 -26.02
C THR A 41 -1.36 4.61 -24.51
N SER A 42 -0.20 4.26 -23.96
CA SER A 42 0.07 4.48 -22.54
C SER A 42 0.09 5.97 -22.26
N PHE A 43 0.69 6.74 -23.16
CA PHE A 43 0.71 8.18 -23.02
C PHE A 43 -0.69 8.78 -23.03
N THR A 44 -1.51 8.40 -24.01
CA THR A 44 -2.83 9.00 -24.11
C THR A 44 -3.73 8.56 -22.96
N PHE A 45 -3.52 7.34 -22.47
CA PHE A 45 -4.23 6.85 -21.29
C PHE A 45 -3.81 7.62 -20.03
N LEU A 46 -2.51 7.70 -19.78
CA LEU A 46 -2.01 8.31 -18.56
C LEU A 46 -2.20 9.83 -18.45
N ARG A 47 -2.23 10.54 -19.58
CA ARG A 47 -2.45 11.99 -19.50
C ARG A 47 -3.90 12.31 -19.17
N GLN A 48 -4.77 11.30 -19.21
CA GLN A 48 -6.11 11.42 -18.66
C GLN A 48 -6.19 10.77 -17.28
N GLU A 49 -5.69 9.54 -17.15
CA GLU A 49 -5.87 8.77 -15.92
C GLU A 49 -5.11 9.34 -14.73
N LEU A 50 -3.87 9.78 -14.93
CA LEU A 50 -3.14 10.35 -13.81
C LEU A 50 -3.79 11.65 -13.28
N PRO A 51 -4.18 12.56 -14.18
CA PRO A 51 -4.93 13.71 -13.66
C PRO A 51 -6.22 13.31 -12.94
N VAL A 52 -6.95 12.31 -13.44
CA VAL A 52 -8.16 11.87 -12.74
C VAL A 52 -7.80 11.38 -11.32
N ARG A 53 -6.79 10.53 -11.21
CA ARG A 53 -6.41 10.03 -9.88
C ARG A 53 -5.87 11.12 -8.97
N LEU A 54 -5.06 12.02 -9.50
CA LEU A 54 -4.57 13.13 -8.69
C LEU A 54 -5.73 14.01 -8.22
N ALA A 55 -6.62 14.40 -9.13
CA ALA A 55 -7.72 15.29 -8.77
C ALA A 55 -8.66 14.66 -7.76
N ASN A 56 -8.96 13.37 -7.93
CA ASN A 56 -9.91 12.71 -7.04
C ASN A 56 -9.46 12.80 -5.60
N ILE A 57 -8.19 12.49 -5.36
CA ILE A 57 -7.69 12.50 -4.00
C ILE A 57 -7.46 13.92 -3.47
N MET A 58 -7.05 14.85 -4.34
CA MET A 58 -6.91 16.22 -3.88
C MET A 58 -8.24 16.81 -3.39
N LYS A 59 -9.35 16.42 -4.01
CA LYS A 59 -10.66 16.88 -3.54
C LYS A 59 -10.96 16.36 -2.14
N GLU A 60 -10.50 15.15 -1.83
CA GLU A 60 -10.71 14.61 -0.48
C GLU A 60 -9.81 15.23 0.57
N ILE A 61 -8.62 15.64 0.16
CA ILE A 61 -7.75 16.34 1.10
C ILE A 61 -8.52 17.53 1.63
N ASN A 62 -9.31 18.18 0.77
CA ASN A 62 -10.03 19.38 1.20
C ASN A 62 -11.12 19.11 2.22
N LEU A 63 -11.48 17.85 2.40
CA LEU A 63 -12.55 17.49 3.33
C LEU A 63 -12.01 17.26 4.74
N LEU A 64 -10.69 17.14 4.87
CA LEU A 64 -10.07 16.98 6.18
C LEU A 64 -10.46 18.13 7.10
N PRO A 65 -10.42 17.89 8.42
CA PRO A 65 -10.71 18.95 9.38
C PRO A 65 -9.77 20.12 9.14
N ASP A 66 -10.23 21.34 9.35
CA ASP A 66 -9.38 22.50 9.21
C ASP A 66 -8.09 22.31 9.97
N ARG A 67 -8.18 21.72 11.16
CA ARG A 67 -7.01 21.53 12.03
C ARG A 67 -5.89 20.76 11.34
N VAL A 68 -6.24 19.71 10.62
CA VAL A 68 -5.26 18.87 9.95
C VAL A 68 -4.78 19.56 8.68
N LEU A 69 -5.73 20.13 7.94
CA LEU A 69 -5.44 20.84 6.72
C LEU A 69 -4.53 22.04 6.94
N SER A 70 -4.61 22.64 8.13
CA SER A 70 -3.83 23.83 8.44
C SER A 70 -2.36 23.52 8.72
N THR A 71 -2.01 22.25 8.90
CA THR A 71 -0.61 21.90 9.26
C THR A 71 0.35 22.11 8.08
N PRO A 72 1.60 22.54 8.37
CA PRO A 72 2.53 22.84 7.28
C PRO A 72 2.83 21.61 6.41
N SER A 73 2.93 20.43 7.03
CA SER A 73 3.29 19.25 6.24
C SER A 73 2.17 18.78 5.32
N VAL A 74 0.92 18.90 5.76
CA VAL A 74 -0.19 18.56 4.88
C VAL A 74 -0.25 19.57 3.74
N GLN A 75 -0.06 20.85 4.06
N GLN A 75 -0.05 20.86 4.05
CA GLN A 75 -0.04 21.87 3.02
CA GLN A 75 -0.02 21.87 3.00
C GLN A 75 1.10 21.61 2.02
C GLN A 75 1.10 21.60 2.01
N LEU A 76 2.24 21.13 2.51
CA LEU A 76 3.36 20.83 1.64
C LEU A 76 3.02 19.72 0.65
N VAL A 77 2.45 18.62 1.17
CA VAL A 77 2.05 17.51 0.31
C VAL A 77 1.02 17.96 -0.73
N GLN A 78 0.02 18.72 -0.29
CA GLN A 78 -0.96 19.30 -1.20
C GLN A 78 -0.25 20.04 -2.34
N SER A 79 0.77 20.82 -1.98
CA SER A 79 1.47 21.63 -2.98
C SER A 79 2.21 20.75 -4.00
N TRP A 80 2.70 19.59 -3.56
CA TRP A 80 3.33 18.66 -4.47
C TRP A 80 2.31 18.12 -5.47
N TYR A 81 1.14 17.74 -4.97
CA TYR A 81 0.08 17.20 -5.83
C TYR A 81 -0.35 18.23 -6.88
N VAL A 82 -0.46 19.49 -6.46
CA VAL A 82 -0.82 20.57 -7.38
C VAL A 82 0.21 20.66 -8.50
N GLN A 83 1.49 20.72 -8.14
CA GLN A 83 2.52 20.85 -9.17
C GLN A 83 2.55 19.64 -10.10
N SER A 84 2.35 18.46 -9.54
CA SER A 84 2.36 17.25 -10.36
C SER A 84 1.21 17.24 -11.36
N LEU A 85 0.04 17.69 -10.91
CA LEU A 85 -1.11 17.80 -11.81
C LEU A 85 -0.78 18.76 -12.94
N LEU A 86 -0.25 19.93 -12.59
CA LEU A 86 0.09 20.94 -13.59
C LEU A 86 1.17 20.42 -14.55
N ASP A 87 2.14 19.67 -14.04
CA ASP A 87 3.15 19.07 -14.92
C ASP A 87 2.50 18.25 -16.02
N ILE A 88 1.47 17.49 -15.68
CA ILE A 88 0.80 16.66 -16.69
C ILE A 88 -0.08 17.51 -17.63
N MET A 89 -0.64 18.60 -17.11
CA MET A 89 -1.47 19.47 -17.93
C MET A 89 -0.70 20.04 -19.11
N GLU A 90 0.61 20.17 -18.95
CA GLU A 90 1.48 20.67 -20.02
C GLU A 90 1.40 19.77 -21.24
N PHE A 91 0.97 18.53 -21.05
CA PHE A 91 0.89 17.55 -22.14
C PHE A 91 -0.48 17.41 -22.81
N LEU A 92 -1.47 18.19 -22.40
CA LEU A 92 -2.82 18.02 -22.94
C LEU A 92 -2.91 18.24 -24.44
N ASP A 93 -2.14 19.17 -24.96
CA ASP A 93 -2.25 19.52 -26.38
C ASP A 93 -1.10 18.97 -27.21
N LYS A 94 -0.29 18.08 -26.62
CA LYS A 94 0.88 17.56 -27.31
C LYS A 94 0.59 16.32 -28.16
N ASP A 95 1.39 16.16 -29.21
CA ASP A 95 1.16 15.12 -30.21
C ASP A 95 1.90 13.83 -29.86
N PRO A 96 1.14 12.74 -29.63
CA PRO A 96 1.70 11.44 -29.27
C PRO A 96 2.60 10.89 -30.38
N GLU A 97 2.38 11.39 -31.60
CA GLU A 97 3.15 10.95 -32.77
C GLU A 97 4.57 11.48 -32.72
N ASP A 98 4.77 12.58 -32.02
CA ASP A 98 6.08 13.19 -31.87
C ASP A 98 6.86 12.44 -30.78
N HIS A 99 7.98 11.84 -31.16
CA HIS A 99 8.77 11.05 -30.22
C HIS A 99 9.26 11.87 -29.03
N ARG A 100 9.42 13.17 -29.23
CA ARG A 100 9.85 14.06 -28.17
C ARG A 100 8.77 14.21 -27.09
N THR A 101 7.51 14.10 -27.50
CA THR A 101 6.40 14.15 -26.57
C THR A 101 6.49 12.99 -25.59
N LEU A 102 6.72 11.79 -26.15
CA LEU A 102 6.81 10.58 -25.36
C LEU A 102 8.00 10.59 -24.41
N SER A 103 9.15 11.03 -24.89
CA SER A 103 10.34 11.07 -24.05
C SER A 103 10.21 12.14 -22.96
N GLN A 104 9.60 13.26 -23.30
CA GLN A 104 9.39 14.32 -22.32
C GLN A 104 8.38 13.86 -21.26
N PHE A 105 7.40 13.07 -21.70
CA PHE A 105 6.38 12.59 -20.77
C PHE A 105 7.01 11.67 -19.74
N THR A 106 7.86 10.75 -20.20
CA THR A 106 8.55 9.85 -19.29
C THR A 106 9.40 10.63 -18.28
N ASP A 107 10.13 11.64 -18.75
CA ASP A 107 10.90 12.50 -17.85
C ASP A 107 10.02 13.18 -16.80
N ALA A 108 8.83 13.64 -17.22
CA ALA A 108 7.93 14.32 -16.30
C ALA A 108 7.41 13.35 -15.23
N LEU A 109 7.15 12.11 -15.61
CA LEU A 109 6.69 11.12 -14.64
C LEU A 109 7.77 10.79 -13.61
N VAL A 110 9.02 10.70 -14.08
CA VAL A 110 10.14 10.45 -13.17
C VAL A 110 10.27 11.59 -12.17
N THR A 111 10.18 12.82 -12.66
CA THR A 111 10.23 13.99 -11.79
C THR A 111 9.10 13.97 -10.75
N ILE A 112 7.90 13.61 -11.17
CA ILE A 112 6.77 13.48 -10.24
C ILE A 112 7.04 12.41 -9.19
N ARG A 113 7.51 11.25 -9.63
CA ARG A 113 7.80 10.17 -8.67
C ARG A 113 8.79 10.64 -7.60
N ASN A 114 9.88 11.29 -8.03
CA ASN A 114 10.87 11.81 -7.08
C ASN A 114 10.29 12.88 -6.16
N ARG A 115 9.53 13.80 -6.72
CA ARG A 115 8.88 14.83 -5.90
C ARG A 115 8.11 14.24 -4.74
N HIS A 116 7.45 13.10 -4.99
CA HIS A 116 6.52 12.51 -4.03
C HIS A 116 7.15 11.40 -3.20
N ASN A 117 8.46 11.23 -3.33
CA ASN A 117 9.15 10.13 -2.66
C ASN A 117 8.89 10.07 -1.14
N ASP A 118 8.86 11.24 -0.51
CA ASP A 118 8.72 11.32 0.94
C ASP A 118 7.30 11.58 1.42
N VAL A 119 6.30 11.31 0.59
CA VAL A 119 4.91 11.59 0.98
C VAL A 119 4.50 10.90 2.28
N VAL A 120 4.86 9.63 2.46
CA VAL A 120 4.35 8.93 3.65
C VAL A 120 4.82 9.56 4.96
N PRO A 121 6.14 9.75 5.13
CA PRO A 121 6.56 10.35 6.40
C PRO A 121 6.22 11.83 6.50
N THR A 122 6.05 12.51 5.38
CA THR A 122 5.63 13.91 5.44
C THR A 122 4.18 14.03 5.93
N MET A 123 3.30 13.17 5.43
CA MET A 123 1.92 13.15 5.96
C MET A 123 1.93 12.78 7.45
N ALA A 124 2.80 11.85 7.84
CA ALA A 124 2.87 11.47 9.25
C ALA A 124 3.30 12.67 10.11
N GLN A 125 4.19 13.51 9.59
CA GLN A 125 4.57 14.72 10.31
C GLN A 125 3.38 15.67 10.43
N GLY A 126 2.53 15.68 9.40
CA GLY A 126 1.31 16.46 9.47
C GLY A 126 0.40 16.00 10.60
N VAL A 127 0.28 14.69 10.77
CA VAL A 127 -0.52 14.14 11.86
C VAL A 127 0.04 14.55 13.21
N LEU A 128 1.38 14.49 13.32
CA LEU A 128 2.05 14.89 14.54
C LEU A 128 1.85 16.37 14.83
N GLU A 129 1.94 17.20 13.79
CA GLU A 129 1.70 18.63 13.92
C GLU A 129 0.28 18.90 14.43
N TYR A 130 -0.70 18.18 13.90
CA TYR A 130 -2.08 18.34 14.35
C TYR A 130 -2.19 17.99 15.84
N LYS A 131 -1.60 16.86 16.22
CA LYS A 131 -1.59 16.41 17.62
C LYS A 131 -0.94 17.44 18.53
N ASP A 132 0.23 17.93 18.14
CA ASP A 132 1.00 18.89 18.95
C ASP A 132 0.32 20.25 19.05
N THR A 133 -0.25 20.70 17.93
CA THR A 133 -0.80 22.04 17.86
C THR A 133 -2.14 22.13 18.58
N TYR A 134 -3.00 21.14 18.38
CA TYR A 134 -4.37 21.23 18.87
C TYR A 134 -4.76 20.20 19.93
N GLY A 135 -3.98 19.13 20.03
CA GLY A 135 -4.41 17.96 20.77
C GLY A 135 -5.34 17.18 19.87
N ASP A 136 -5.38 15.86 20.03
CA ASP A 136 -6.24 15.09 19.15
C ASP A 136 -7.64 14.96 19.74
N ASP A 137 -8.62 14.75 18.86
CA ASP A 137 -9.99 14.51 19.27
C ASP A 137 -10.53 13.36 18.45
N PRO A 138 -11.49 12.62 19.00
CA PRO A 138 -12.01 11.39 18.40
C PRO A 138 -12.58 11.58 17.00
N VAL A 139 -13.32 12.67 16.78
CA VAL A 139 -13.92 12.93 15.47
C VAL A 139 -12.85 13.14 14.40
N SER A 140 -11.88 14.01 14.69
CA SER A 140 -10.78 14.25 13.76
C SER A 140 -10.01 12.95 13.53
N ASN A 141 -9.79 12.21 14.61
CA ASN A 141 -9.05 10.95 14.50
C ASN A 141 -9.70 9.96 13.54
N GLN A 142 -11.01 9.79 13.62
CA GLN A 142 -11.70 8.86 12.73
C GLN A 142 -11.64 9.34 11.29
N ASN A 143 -11.73 10.65 11.12
N ASN A 143 -11.74 10.65 11.10
CA ASN A 143 -11.62 11.29 9.82
CA ASN A 143 -11.63 11.21 9.75
C ASN A 143 -10.25 11.02 9.20
C ASN A 143 -10.23 11.01 9.18
N ILE A 144 -9.22 11.21 10.01
CA ILE A 144 -7.84 10.99 9.58
C ILE A 144 -7.60 9.54 9.18
N GLN A 145 -8.11 8.62 9.98
CA GLN A 145 -7.95 7.19 9.71
C GLN A 145 -8.59 6.82 8.38
N TYR A 146 -9.83 7.26 8.18
CA TYR A 146 -10.55 7.02 6.92
C TYR A 146 -9.81 7.63 5.74
N PHE A 147 -9.41 8.88 5.88
CA PHE A 147 -8.70 9.57 4.81
C PHE A 147 -7.36 8.93 4.48
N LEU A 148 -6.57 8.63 5.50
CA LEU A 148 -5.22 8.15 5.21
C LEU A 148 -5.21 6.80 4.53
N ASP A 149 -6.12 5.90 4.90
CA ASP A 149 -6.24 4.63 4.18
C ASP A 149 -6.44 4.93 2.69
N ARG A 150 -7.34 5.86 2.39
CA ARG A 150 -7.66 6.14 1.00
C ARG A 150 -6.56 6.89 0.28
N PHE A 151 -5.96 7.86 0.98
CA PHE A 151 -4.88 8.64 0.43
C PHE A 151 -3.66 7.78 0.11
N TYR A 152 -3.29 6.91 1.03
CA TYR A 152 -2.12 6.07 0.81
C TYR A 152 -2.40 4.97 -0.25
N LEU A 153 -3.63 4.48 -0.33
CA LEU A 153 -3.98 3.52 -1.38
C LEU A 153 -3.98 4.21 -2.75
N SER A 154 -4.52 5.43 -2.79
CA SER A 154 -4.46 6.23 -4.02
C SER A 154 -3.01 6.39 -4.47
N ARG A 155 -2.14 6.71 -3.52
CA ARG A 155 -0.74 6.92 -3.82
C ARG A 155 -0.07 5.66 -4.36
N ILE A 156 -0.35 4.53 -3.73
CA ILE A 156 0.14 3.25 -4.23
C ILE A 156 -0.26 3.05 -5.70
N SER A 157 -1.49 3.41 -6.04
CA SER A 157 -2.01 3.18 -7.38
C SER A 157 -1.35 4.11 -8.40
N ILE A 158 -1.06 5.33 -7.98
CA ILE A 158 -0.42 6.30 -8.87
C ILE A 158 1.02 5.87 -9.13
N ARG A 159 1.70 5.43 -8.07
CA ARG A 159 3.06 4.92 -8.23
C ARG A 159 3.10 3.69 -9.11
N MET A 160 2.09 2.82 -8.98
CA MET A 160 2.01 1.66 -9.86
C MET A 160 1.93 2.08 -11.33
N LEU A 161 1.06 3.03 -11.65
CA LEU A 161 0.92 3.48 -13.03
C LEU A 161 2.23 4.07 -13.55
N ILE A 162 2.86 4.90 -12.73
CA ILE A 162 4.11 5.55 -13.12
C ILE A 162 5.26 4.54 -13.29
N ASN A 163 5.41 3.63 -12.34
CA ASN A 163 6.46 2.63 -12.45
C ASN A 163 6.28 1.73 -13.67
N GLN A 164 5.04 1.34 -13.96
CA GLN A 164 4.80 0.50 -15.14
C GLN A 164 5.22 1.21 -16.41
N HIS A 165 4.88 2.49 -16.52
CA HIS A 165 5.23 3.24 -17.73
C HIS A 165 6.73 3.43 -17.86
N THR A 166 7.37 3.86 -16.78
CA THR A 166 8.81 4.16 -16.83
C THR A 166 9.65 2.90 -16.96
N LEU A 167 9.21 1.80 -16.35
CA LEU A 167 9.97 0.55 -16.44
C LEU A 167 9.86 -0.07 -17.83
N ILE A 168 8.68 0.00 -18.41
CA ILE A 168 8.44 -0.63 -19.71
C ILE A 168 9.05 0.18 -20.86
N PHE A 169 8.92 1.50 -20.77
CA PHE A 169 9.40 2.40 -21.80
C PHE A 169 10.63 3.18 -21.33
N ASP A 170 11.43 2.52 -20.49
CA ASP A 170 12.51 3.15 -19.71
C ASP A 170 12.75 4.63 -19.97
N PRO A 175 17.13 -5.46 -17.85
CA PRO A 175 17.83 -5.29 -16.58
C PRO A 175 17.88 -6.57 -15.75
N ALA A 176 17.60 -6.46 -14.45
CA ALA A 176 17.71 -7.57 -13.51
C ALA A 176 17.01 -8.86 -14.00
N HIS A 177 15.73 -8.75 -14.30
CA HIS A 177 14.97 -9.88 -14.85
C HIS A 177 14.07 -9.39 -15.97
N PRO A 178 14.43 -9.70 -17.22
CA PRO A 178 13.74 -9.23 -18.44
C PRO A 178 12.35 -9.83 -18.59
N LYS A 179 12.05 -10.86 -17.80
CA LYS A 179 10.77 -11.56 -17.88
C LYS A 179 9.67 -10.80 -17.15
N HIS A 180 10.06 -9.88 -16.28
CA HIS A 180 9.11 -9.00 -15.61
C HIS A 180 8.48 -8.05 -16.62
N ILE A 181 7.21 -7.71 -16.40
CA ILE A 181 6.55 -6.68 -17.19
C ILE A 181 6.43 -5.45 -16.31
N GLY A 182 7.33 -4.50 -16.49
CA GLY A 182 7.47 -3.42 -15.53
C GLY A 182 7.87 -3.99 -14.19
N SER A 183 7.03 -3.79 -13.17
CA SER A 183 7.32 -4.28 -11.83
C SER A 183 6.61 -5.61 -11.53
N ILE A 184 5.95 -6.16 -12.54
CA ILE A 184 5.14 -7.38 -12.36
C ILE A 184 5.91 -8.63 -12.76
N ASP A 185 5.91 -9.62 -11.87
CA ASP A 185 6.49 -10.92 -12.17
C ASP A 185 5.37 -11.91 -12.47
N PRO A 186 5.30 -12.40 -13.73
CA PRO A 186 4.20 -13.30 -14.07
C PRO A 186 4.37 -14.66 -13.43
N ASN A 187 5.54 -14.93 -12.88
CA ASN A 187 5.81 -16.20 -12.24
C ASN A 187 6.51 -16.04 -10.91
N CYS A 188 5.89 -15.27 -10.03
CA CYS A 188 6.46 -15.00 -8.71
C CYS A 188 6.39 -16.24 -7.82
N ASN A 189 7.55 -16.75 -7.42
CA ASN A 189 7.63 -17.89 -6.52
C ASN A 189 7.46 -17.36 -5.10
N VAL A 190 6.30 -17.63 -4.51
CA VAL A 190 5.94 -17.01 -3.24
C VAL A 190 6.90 -17.37 -2.11
N SER A 191 7.29 -18.64 -2.03
CA SER A 191 8.22 -19.04 -0.97
C SER A 191 9.58 -18.37 -1.10
N GLU A 192 10.01 -18.09 -2.32
CA GLU A 192 11.27 -17.38 -2.50
C GLU A 192 11.20 -15.97 -1.93
N VAL A 193 10.05 -15.29 -2.13
CA VAL A 193 9.89 -13.96 -1.55
C VAL A 193 9.81 -14.03 -0.03
N VAL A 194 9.11 -15.03 0.49
CA VAL A 194 9.10 -15.24 1.94
C VAL A 194 10.52 -15.37 2.48
N LYS A 195 11.35 -16.18 1.82
N LYS A 195 11.35 -16.17 1.81
CA LYS A 195 12.72 -16.39 2.29
CA LYS A 195 12.72 -16.39 2.27
C LYS A 195 13.53 -15.09 2.23
C LYS A 195 13.54 -15.10 2.22
N ASP A 196 13.35 -14.31 1.17
CA ASP A 196 14.09 -13.05 1.02
C ASP A 196 13.73 -12.10 2.16
N ALA A 197 12.43 -11.99 2.45
CA ALA A 197 11.98 -11.11 3.53
C ALA A 197 12.48 -11.61 4.89
N TYR A 198 12.46 -12.92 5.09
CA TYR A 198 12.98 -13.49 6.32
C TYR A 198 14.46 -13.14 6.49
N ASP A 199 15.21 -13.33 5.41
CA ASP A 199 16.66 -13.11 5.46
C ASP A 199 16.99 -11.69 5.90
N MET A 200 16.28 -10.73 5.35
CA MET A 200 16.52 -9.31 5.66
C MET A 200 16.10 -8.97 7.08
N ALA A 201 14.97 -9.51 7.52
CA ALA A 201 14.52 -9.29 8.89
C ALA A 201 15.48 -9.96 9.89
N LYS A 202 16.00 -11.13 9.54
CA LYS A 202 16.97 -11.84 10.39
C LYS A 202 18.24 -11.01 10.59
N LEU A 203 18.69 -10.34 9.54
CA LEU A 203 19.87 -9.48 9.67
C LEU A 203 19.62 -8.42 10.74
N LEU A 204 18.42 -7.85 10.74
CA LEU A 204 18.10 -6.79 11.70
C LEU A 204 17.95 -7.35 13.11
N CYS A 205 17.28 -8.50 13.23
CA CYS A 205 17.03 -9.09 14.52
C CYS A 205 18.36 -9.52 15.16
N ASP A 206 19.20 -10.15 14.35
CA ASP A 206 20.53 -10.57 14.82
C ASP A 206 21.36 -9.38 15.29
N LYS A 207 21.25 -8.25 14.59
CA LYS A 207 22.03 -7.07 14.96
C LYS A 207 21.67 -6.60 16.36
N TYR A 208 20.38 -6.52 16.64
CA TYR A 208 19.93 -5.99 17.93
C TYR A 208 19.84 -6.98 19.09
N TYR A 209 19.51 -8.22 18.79
CA TYR A 209 19.29 -9.21 19.85
C TYR A 209 20.33 -10.34 19.85
N MET A 210 21.20 -10.35 18.85
CA MET A 210 22.24 -11.38 18.71
C MET A 210 21.66 -12.79 18.56
N ALA A 211 20.39 -12.87 18.16
CA ALA A 211 19.72 -14.14 17.94
C ALA A 211 18.45 -13.85 17.17
N SER A 212 17.90 -14.87 16.53
CA SER A 212 16.64 -14.72 15.83
C SER A 212 16.01 -16.09 15.66
N PRO A 213 14.67 -16.12 15.57
CA PRO A 213 14.00 -17.40 15.37
C PRO A 213 14.28 -17.95 14.00
N ASP A 214 14.28 -19.28 13.88
CA ASP A 214 14.40 -19.93 12.58
C ASP A 214 13.10 -19.79 11.80
N LEU A 215 13.17 -20.11 10.51
CA LEU A 215 12.00 -20.09 9.64
C LEU A 215 11.61 -21.51 9.26
N GLU A 216 10.31 -21.80 9.28
CA GLU A 216 9.81 -23.04 8.70
C GLU A 216 8.72 -22.68 7.71
N ILE A 217 8.84 -23.15 6.48
CA ILE A 217 7.80 -22.93 5.47
C ILE A 217 7.13 -24.24 5.10
N GLN A 218 5.81 -24.21 5.03
CA GLN A 218 5.03 -25.33 4.49
C GLN A 218 4.16 -24.80 3.37
N GLU A 219 4.09 -25.53 2.26
CA GLU A 219 3.16 -25.17 1.18
C GLU A 219 2.03 -26.18 1.09
N ILE A 220 0.84 -25.66 0.84
CA ILE A 220 -0.35 -26.47 0.58
C ILE A 220 -0.89 -26.06 -0.78
N ASN A 221 -0.54 -26.80 -1.82
CA ASN A 221 -1.07 -26.50 -3.14
C ASN A 221 -2.26 -27.42 -3.33
N ALA A 222 -3.46 -26.90 -3.09
CA ALA A 222 -4.62 -27.78 -2.96
C ALA A 222 -4.87 -28.64 -4.22
N ALA A 223 -4.84 -28.01 -5.37
CA ALA A 223 -5.19 -28.68 -6.64
C ALA A 223 -4.03 -29.49 -7.23
N ASN A 224 -2.80 -29.17 -6.84
CA ASN A 224 -1.60 -29.81 -7.39
C ASN A 224 -0.53 -29.97 -6.32
N SER A 225 -0.70 -30.96 -5.45
CA SER A 225 0.08 -31.08 -4.22
C SER A 225 1.59 -31.03 -4.46
N LYS A 226 2.02 -31.51 -5.63
CA LYS A 226 3.44 -31.54 -5.96
C LYS A 226 4.00 -30.12 -6.18
N GLN A 227 3.21 -29.29 -6.87
CA GLN A 227 3.71 -28.07 -7.48
C GLN A 227 4.05 -26.90 -6.55
N PRO A 228 5.24 -26.32 -6.74
CA PRO A 228 5.65 -25.10 -6.04
C PRO A 228 4.68 -23.97 -6.38
N ILE A 229 4.34 -23.15 -5.39
CA ILE A 229 3.28 -22.17 -5.57
C ILE A 229 3.80 -20.88 -6.21
N HIS A 230 3.22 -20.51 -7.33
N HIS A 230 3.22 -20.50 -7.33
CA HIS A 230 3.57 -19.29 -8.06
CA HIS A 230 3.58 -19.25 -7.98
C HIS A 230 2.33 -18.44 -8.30
C HIS A 230 2.34 -18.45 -8.35
N MET A 231 2.53 -17.16 -8.59
CA MET A 231 1.42 -16.27 -8.92
C MET A 231 1.93 -15.10 -9.75
N VAL A 232 0.99 -14.35 -10.31
CA VAL A 232 1.31 -13.09 -10.96
C VAL A 232 1.20 -12.02 -9.88
N TYR A 233 2.29 -11.33 -9.59
CA TYR A 233 2.25 -10.30 -8.56
C TYR A 233 3.42 -9.34 -8.70
N VAL A 234 3.38 -8.24 -7.94
CA VAL A 234 4.50 -7.32 -7.86
C VAL A 234 5.36 -7.75 -6.67
N PRO A 235 6.53 -8.38 -6.93
CA PRO A 235 7.26 -9.00 -5.81
C PRO A 235 7.63 -7.98 -4.72
N SER A 236 7.96 -6.75 -5.12
CA SER A 236 8.31 -5.71 -4.15
C SER A 236 7.20 -5.47 -3.13
N HIS A 237 5.94 -5.52 -3.55
CA HIS A 237 4.82 -5.32 -2.65
C HIS A 237 4.71 -6.49 -1.68
N LEU A 238 4.82 -7.70 -2.21
CA LEU A 238 4.74 -8.89 -1.38
C LEU A 238 5.89 -8.91 -0.39
N TYR A 239 7.09 -8.58 -0.86
CA TYR A 239 8.25 -8.47 0.02
C TYR A 239 8.00 -7.47 1.15
N HIS A 240 7.47 -6.30 0.81
N HIS A 240 7.46 -6.30 0.80
CA HIS A 240 7.23 -5.26 1.81
CA HIS A 240 7.18 -5.24 1.78
C HIS A 240 6.34 -5.78 2.93
C HIS A 240 6.34 -5.77 2.92
N MET A 241 5.24 -6.45 2.57
CA MET A 241 4.32 -6.98 3.56
C MET A 241 4.99 -8.00 4.45
N LEU A 242 5.69 -8.94 3.83
CA LEU A 242 6.30 -10.02 4.59
C LEU A 242 7.43 -9.53 5.50
N PHE A 243 8.21 -8.58 5.00
CA PHE A 243 9.29 -8.00 5.81
C PHE A 243 8.72 -7.34 7.06
N GLU A 244 7.67 -6.55 6.91
CA GLU A 244 7.04 -5.94 8.08
C GLU A 244 6.53 -7.00 9.06
N LEU A 245 5.84 -8.02 8.53
CA LEU A 245 5.36 -9.08 9.40
C LEU A 245 6.48 -9.84 10.10
N PHE A 246 7.57 -10.14 9.41
CA PHE A 246 8.68 -10.84 10.05
C PHE A 246 9.31 -9.98 11.15
N LYS A 247 9.44 -8.67 10.92
CA LYS A 247 10.03 -7.82 11.94
C LYS A 247 9.21 -7.89 13.22
N ASN A 248 7.89 -7.80 13.10
CA ASN A 248 7.03 -7.89 14.27
C ASN A 248 7.09 -9.26 14.94
N ALA A 249 7.04 -10.32 14.15
CA ALA A 249 7.08 -11.69 14.68
C ALA A 249 8.40 -11.98 15.36
N MET A 250 9.50 -11.50 14.78
CA MET A 250 10.82 -11.73 15.39
C MET A 250 10.97 -10.99 16.70
N ARG A 251 10.60 -9.72 16.69
CA ARG A 251 10.70 -8.92 17.90
C ARG A 251 9.87 -9.55 19.01
N ALA A 252 8.63 -9.95 18.69
CA ALA A 252 7.78 -10.58 19.71
C ALA A 252 8.44 -11.82 20.27
N THR A 253 9.02 -12.64 19.41
CA THR A 253 9.56 -13.93 19.83
C THR A 253 10.77 -13.70 20.75
N VAL A 254 11.65 -12.80 20.33
CA VAL A 254 12.86 -12.59 21.15
C VAL A 254 12.51 -11.91 22.47
N GLU A 255 11.64 -10.90 22.41
CA GLU A 255 11.32 -10.13 23.60
C GLU A 255 10.51 -10.89 24.64
N SER A 256 9.73 -11.87 24.18
CA SER A 256 8.95 -12.70 25.09
C SER A 256 9.76 -13.89 25.61
N HIS A 257 11.00 -14.03 25.14
CA HIS A 257 11.83 -15.17 25.55
C HIS A 257 13.19 -14.72 26.07
N GLU A 258 13.21 -13.61 26.81
CA GLU A 258 14.46 -13.04 27.31
C GLU A 258 15.35 -14.05 28.06
N SER A 259 14.76 -14.99 28.78
CA SER A 259 15.52 -15.93 29.60
C SER A 259 15.87 -17.22 28.85
N SER A 260 15.55 -17.27 27.57
N SER A 260 15.54 -17.29 27.57
CA SER A 260 15.70 -18.51 26.80
CA SER A 260 15.70 -18.52 26.81
C SER A 260 16.81 -18.47 25.76
C SER A 260 16.82 -18.46 25.77
N LEU A 261 17.44 -19.61 25.53
CA LEU A 261 18.44 -19.74 24.49
C LEU A 261 17.78 -20.39 23.28
N ILE A 262 16.69 -21.12 23.53
CA ILE A 262 15.97 -21.80 22.46
C ILE A 262 14.78 -20.90 22.09
N LEU A 263 14.72 -20.47 20.83
CA LEU A 263 13.61 -19.62 20.38
C LEU A 263 12.67 -20.43 19.53
N PRO A 264 11.35 -20.28 19.76
CA PRO A 264 10.44 -21.00 18.86
C PRO A 264 10.56 -20.40 17.46
N PRO A 265 10.45 -21.24 16.42
CA PRO A 265 10.59 -20.74 15.06
C PRO A 265 9.38 -19.90 14.66
N ILE A 266 9.53 -19.17 13.58
CA ILE A 266 8.37 -18.55 12.94
C ILE A 266 7.91 -19.50 11.85
N LYS A 267 6.64 -19.88 11.88
CA LYS A 267 6.13 -20.83 10.90
C LYS A 267 5.30 -20.14 9.87
N VAL A 268 5.63 -20.35 8.60
CA VAL A 268 4.84 -19.79 7.51
C VAL A 268 4.16 -20.88 6.70
N MET A 269 2.86 -20.72 6.47
CA MET A 269 2.17 -21.62 5.56
C MET A 269 1.75 -20.82 4.34
N VAL A 270 2.04 -21.36 3.16
CA VAL A 270 1.56 -20.75 1.92
C VAL A 270 0.53 -21.71 1.34
N ALA A 271 -0.73 -21.27 1.24
CA ALA A 271 -1.78 -22.13 0.72
C ALA A 271 -2.32 -21.59 -0.59
N LEU A 272 -2.51 -22.46 -1.58
CA LEU A 272 -3.08 -22.04 -2.85
C LEU A 272 -4.41 -22.76 -3.02
N GLY A 273 -5.48 -21.98 -3.03
CA GLY A 273 -6.82 -22.49 -3.25
C GLY A 273 -7.35 -22.09 -4.60
N GLU A 274 -8.66 -22.30 -4.80
N GLU A 274 -8.65 -22.28 -4.82
CA GLU A 274 -9.31 -21.99 -6.07
CA GLU A 274 -9.25 -21.98 -6.10
C GLU A 274 -9.28 -20.50 -6.35
C GLU A 274 -9.30 -20.47 -6.37
N GLU A 275 -9.43 -19.70 -5.30
CA GLU A 275 -9.60 -18.26 -5.44
C GLU A 275 -8.55 -17.47 -4.65
N ASP A 276 -8.12 -18.03 -3.51
CA ASP A 276 -7.17 -17.30 -2.65
C ASP A 276 -5.79 -17.90 -2.69
N LEU A 277 -4.77 -17.05 -2.59
CA LEU A 277 -3.44 -17.51 -2.21
C LEU A 277 -3.19 -16.85 -0.86
N SER A 278 -3.11 -17.68 0.18
CA SER A 278 -3.04 -17.17 1.55
C SER A 278 -1.70 -17.48 2.17
N ILE A 279 -1.14 -16.51 2.88
CA ILE A 279 0.16 -16.72 3.53
C ILE A 279 -0.01 -16.44 5.01
N LYS A 280 0.16 -17.46 5.85
CA LYS A 280 0.01 -17.27 7.29
C LYS A 280 1.35 -17.29 7.97
N MET A 281 1.64 -16.28 8.79
CA MET A 281 2.87 -16.25 9.58
C MET A 281 2.51 -16.41 11.07
N SER A 282 2.98 -17.50 11.68
CA SER A 282 2.60 -17.81 13.05
C SER A 282 3.82 -17.69 13.96
N ASP A 283 3.66 -16.93 15.04
CA ASP A 283 4.74 -16.80 16.02
C ASP A 283 4.25 -17.22 17.40
N ARG A 284 5.19 -17.50 18.29
CA ARG A 284 4.88 -17.82 19.66
C ARG A 284 5.48 -16.72 20.54
N GLY A 285 5.22 -15.47 20.16
CA GLY A 285 5.79 -14.32 20.83
C GLY A 285 4.96 -13.75 21.96
N GLY A 286 4.02 -14.54 22.47
CA GLY A 286 3.26 -14.16 23.64
C GLY A 286 1.97 -13.40 23.38
N GLY A 287 1.81 -12.92 22.15
CA GLY A 287 0.54 -12.31 21.74
C GLY A 287 0.23 -10.96 22.36
N VAL A 288 -0.99 -10.49 22.10
N VAL A 288 -0.98 -10.50 22.07
CA VAL A 288 -1.45 -9.17 22.51
CA VAL A 288 -1.46 -9.22 22.61
C VAL A 288 -2.96 -9.26 22.72
C VAL A 288 -2.94 -9.38 22.84
N PRO A 289 -3.49 -8.60 23.78
CA PRO A 289 -4.94 -8.66 23.99
C PRO A 289 -5.71 -8.09 22.81
N LEU A 290 -6.90 -8.64 22.57
CA LEU A 290 -7.73 -8.25 21.44
C LEU A 290 -7.94 -6.74 21.41
N ARG A 291 -8.12 -6.15 22.59
CA ARG A 291 -8.37 -4.71 22.72
C ARG A 291 -7.32 -3.87 22.03
N LYS A 292 -6.10 -4.40 21.93
CA LYS A 292 -4.97 -3.63 21.40
C LYS A 292 -4.67 -3.92 19.94
N ILE A 293 -5.47 -4.76 19.30
CA ILE A 293 -5.22 -5.11 17.90
C ILE A 293 -5.48 -3.94 16.96
N GLU A 294 -6.59 -3.23 17.19
CA GLU A 294 -7.00 -2.16 16.30
C GLU A 294 -5.91 -1.10 16.23
N ARG A 295 -5.29 -0.82 17.38
CA ARG A 295 -4.23 0.19 17.46
C ARG A 295 -3.09 -0.09 16.50
N LEU A 296 -2.89 -1.37 16.17
CA LEU A 296 -1.76 -1.71 15.32
C LEU A 296 -1.96 -1.17 13.90
N PHE A 297 -3.21 -0.89 13.54
CA PHE A 297 -3.50 -0.39 12.19
C PHE A 297 -3.83 1.09 12.21
N SER A 298 -3.68 1.71 13.37
CA SER A 298 -4.04 3.12 13.55
C SER A 298 -2.88 4.06 13.23
N TYR A 299 -3.15 5.11 12.46
CA TYR A 299 -2.11 6.05 12.12
C TYR A 299 -1.81 6.96 13.31
N MET A 300 -2.80 7.13 14.18
CA MET A 300 -2.69 8.05 15.30
C MET A 300 -1.84 7.44 16.39
N TYR A 301 -2.13 6.20 16.74
CA TYR A 301 -1.33 5.49 17.73
C TYR A 301 0.07 5.24 17.19
N SER A 302 0.16 5.05 15.88
CA SER A 302 1.44 4.75 15.23
C SER A 302 2.35 5.98 15.07
N THR A 303 1.88 7.13 15.55
CA THR A 303 2.69 8.35 15.55
C THR A 303 2.91 8.86 16.96
N GLY A 320 6.19 4.60 11.87
CA GLY A 320 5.63 3.35 12.36
C GLY A 320 4.34 2.97 11.66
N TYR A 321 4.28 3.22 10.34
CA TYR A 321 3.09 2.91 9.56
C TYR A 321 3.24 1.59 8.82
N GLY A 322 4.22 0.80 9.24
CA GLY A 322 4.49 -0.47 8.62
C GLY A 322 3.27 -1.35 8.45
N LEU A 323 2.51 -1.58 9.52
CA LEU A 323 1.37 -2.50 9.41
C LEU A 323 0.22 -1.91 8.60
N PRO A 324 -0.18 -0.67 8.89
CA PRO A 324 -1.30 -0.19 8.05
C PRO A 324 -0.94 -0.08 6.56
N ILE A 325 0.27 0.36 6.22
CA ILE A 325 0.64 0.45 4.81
C ILE A 325 0.74 -0.97 4.20
N SER A 326 1.24 -1.94 4.96
CA SER A 326 1.28 -3.32 4.46
C SER A 326 -0.12 -3.83 4.12
N ARG A 327 -1.09 -3.53 4.98
CA ARG A 327 -2.45 -3.97 4.71
C ARG A 327 -3.00 -3.28 3.46
N LEU A 328 -2.67 -2.00 3.28
CA LEU A 328 -3.07 -1.34 2.02
C LEU A 328 -2.50 -2.02 0.78
N TYR A 329 -1.23 -2.46 0.84
CA TYR A 329 -0.67 -3.17 -0.30
C TYR A 329 -1.49 -4.41 -0.57
N ALA A 330 -1.88 -5.13 0.49
CA ALA A 330 -2.70 -6.33 0.30
C ALA A 330 -4.04 -5.99 -0.32
N LYS A 331 -4.67 -4.91 0.17
CA LYS A 331 -5.98 -4.52 -0.30
C LYS A 331 -5.96 -4.00 -1.73
N TYR A 332 -4.81 -3.51 -2.17
CA TYR A 332 -4.69 -2.85 -3.47
C TYR A 332 -5.12 -3.75 -4.63
N PHE A 333 -4.78 -5.04 -4.57
CA PHE A 333 -5.26 -5.99 -5.59
C PHE A 333 -6.34 -6.94 -5.06
N GLN A 334 -7.22 -6.41 -4.22
CA GLN A 334 -8.42 -7.10 -3.69
C GLN A 334 -8.09 -8.17 -2.65
N GLY A 335 -6.96 -8.02 -1.98
CA GLY A 335 -6.58 -8.94 -0.91
C GLY A 335 -6.83 -8.27 0.43
N ASP A 336 -6.15 -8.75 1.47
CA ASP A 336 -6.27 -8.20 2.83
C ASP A 336 -5.13 -8.71 3.68
N LEU A 337 -4.94 -8.09 4.83
CA LEU A 337 -3.94 -8.54 5.79
C LEU A 337 -4.60 -8.48 7.14
N GLN A 338 -4.68 -9.63 7.82
CA GLN A 338 -5.43 -9.73 9.06
C GLN A 338 -4.55 -10.28 10.17
N LEU A 339 -4.78 -9.82 11.39
CA LEU A 339 -4.03 -10.29 12.55
C LEU A 339 -4.96 -10.92 13.54
N PHE A 340 -4.59 -12.07 14.06
N PHE A 340 -4.53 -12.05 14.10
CA PHE A 340 -5.34 -12.61 15.19
CA PHE A 340 -5.30 -12.75 15.13
C PHE A 340 -4.42 -13.26 16.19
C PHE A 340 -4.34 -13.24 16.19
N SER A 341 -4.51 -12.76 17.42
CA SER A 341 -3.59 -13.15 18.47
C SER A 341 -4.27 -14.05 19.49
N MET A 342 -3.46 -14.72 20.29
N MET A 342 -3.47 -14.75 20.27
CA MET A 342 -3.96 -15.39 21.48
CA MET A 342 -3.92 -15.47 21.45
C MET A 342 -3.06 -14.96 22.59
C MET A 342 -3.04 -14.95 22.58
N GLU A 343 -3.57 -14.05 23.42
CA GLU A 343 -2.75 -13.43 24.46
C GLU A 343 -2.24 -14.50 25.39
N GLY A 344 -0.92 -14.51 25.61
CA GLY A 344 -0.28 -15.51 26.43
C GLY A 344 0.44 -16.57 25.59
N PHE A 345 0.13 -16.61 24.30
CA PHE A 345 0.71 -17.61 23.42
C PHE A 345 1.46 -17.03 22.22
N GLY A 346 0.76 -16.31 21.34
CA GLY A 346 1.39 -15.82 20.13
C GLY A 346 0.38 -15.26 19.16
N THR A 347 0.85 -14.96 17.95
CA THR A 347 0.03 -14.27 16.96
C THR A 347 0.14 -14.87 15.57
N ASP A 348 -0.98 -14.95 14.88
CA ASP A 348 -1.02 -15.33 13.48
C ASP A 348 -1.30 -14.08 12.66
N ALA A 349 -0.52 -13.87 11.62
CA ALA A 349 -0.82 -12.82 10.66
C ALA A 349 -1.09 -13.49 9.32
N VAL A 350 -2.15 -13.08 8.64
N VAL A 350 -2.15 -13.09 8.64
CA VAL A 350 -2.46 -13.70 7.36
CA VAL A 350 -2.43 -13.71 7.36
C VAL A 350 -2.54 -12.67 6.25
C VAL A 350 -2.57 -12.70 6.23
N ILE A 351 -1.80 -12.91 5.17
CA ILE A 351 -1.91 -12.10 3.96
C ILE A 351 -2.82 -12.88 3.02
N TYR A 352 -3.93 -12.27 2.62
CA TYR A 352 -4.84 -12.87 1.64
C TYR A 352 -4.62 -12.20 0.31
N LEU A 353 -4.26 -12.99 -0.70
CA LEU A 353 -4.10 -12.47 -2.05
C LEU A 353 -5.09 -13.18 -2.99
N LYS A 354 -5.44 -12.54 -4.10
CA LYS A 354 -6.20 -13.25 -5.12
C LYS A 354 -5.27 -14.20 -5.87
N ALA A 355 -5.70 -15.44 -6.04
CA ALA A 355 -4.90 -16.42 -6.77
C ALA A 355 -4.81 -16.13 -8.27
N LEU A 356 -5.85 -15.52 -8.85
CA LEU A 356 -5.93 -15.34 -10.29
C LEU A 356 -5.71 -13.90 -10.71
N SER A 357 -4.92 -13.69 -11.77
CA SER A 357 -4.63 -12.34 -12.23
C SER A 357 -5.89 -11.58 -12.64
N THR A 358 -6.90 -12.32 -13.10
CA THR A 358 -8.17 -11.72 -13.52
C THR A 358 -9.00 -11.18 -12.37
N ASP A 359 -8.80 -11.76 -11.18
CA ASP A 359 -9.47 -11.29 -9.98
C ASP A 359 -8.67 -10.18 -9.28
N SER A 360 -7.43 -9.99 -9.71
CA SER A 360 -6.55 -9.02 -9.07
C SER A 360 -6.74 -7.66 -9.72
N VAL A 361 -7.74 -6.93 -9.24
CA VAL A 361 -8.13 -5.65 -9.81
C VAL A 361 -7.81 -4.54 -8.82
N GLU A 362 -7.26 -3.44 -9.31
CA GLU A 362 -6.97 -2.30 -8.44
C GLU A 362 -8.17 -1.91 -7.60
N ARG A 363 -7.93 -1.66 -6.32
N ARG A 363 -7.93 -1.68 -6.31
CA ARG A 363 -8.95 -1.12 -5.42
CA ARG A 363 -8.97 -1.12 -5.44
C ARG A 363 -8.68 0.37 -5.22
C ARG A 363 -8.68 0.37 -5.24
N LEU A 364 -9.52 1.20 -5.83
CA LEU A 364 -9.26 2.64 -5.87
C LEU A 364 -10.38 3.43 -5.20
N PRO A 365 -9.99 4.36 -4.30
CA PRO A 365 -10.97 5.27 -3.70
C PRO A 365 -11.46 6.22 -4.77
N VAL A 366 -12.72 6.65 -4.66
CA VAL A 366 -13.27 7.59 -5.62
C VAL A 366 -13.96 8.69 -4.87
N TYR A 367 -13.80 9.93 -5.35
CA TYR A 367 -14.46 11.08 -4.76
C TYR A 367 -15.90 11.21 -5.28
N ASN A 368 -16.85 10.93 -4.41
CA ASN A 368 -18.26 11.11 -4.72
C ASN A 368 -19.05 11.36 -3.46
N LYS A 369 -20.37 11.42 -3.58
CA LYS A 369 -21.23 11.75 -2.45
C LYS A 369 -21.02 10.83 -1.25
N SER A 370 -20.89 9.52 -1.52
CA SER A 370 -20.68 8.55 -0.44
C SER A 370 -19.38 8.86 0.31
N ALA A 371 -18.32 9.11 -0.45
CA ALA A 371 -17.05 9.50 0.16
C ALA A 371 -17.24 10.77 0.97
N TRP A 372 -17.83 11.78 0.34
CA TRP A 372 -18.06 13.07 1.00
C TRP A 372 -18.82 12.96 2.34
N ARG A 373 -19.82 12.10 2.41
CA ARG A 373 -20.64 11.99 3.63
C ARG A 373 -19.86 11.41 4.82
N HIS A 374 -18.82 10.64 4.53
CA HIS A 374 -18.02 10.01 5.57
C HIS A 374 -17.30 11.02 6.46
N TYR A 375 -16.92 12.14 5.87
CA TYR A 375 -16.21 13.18 6.61
C TYR A 375 -17.17 14.05 7.41
N GLN A 376 -18.45 13.91 7.10
CA GLN A 376 -19.48 14.73 7.73
C GLN A 376 -19.87 14.16 9.10
N THR A 377 -18.87 13.93 9.94
CA THR A 377 -19.07 13.34 11.25
C THR A 377 -19.03 14.40 12.36
N ILE A 378 -19.80 14.18 13.42
CA ILE A 378 -19.83 15.09 14.56
C ILE A 378 -19.83 14.34 15.91
N GLN A 379 -19.46 15.06 16.98
CA GLN A 379 -19.32 14.47 18.31
C GLN A 379 -20.66 14.17 18.98
N GLU A 380 -20.87 12.90 19.33
CA GLU A 380 -22.10 12.47 20.00
C GLU A 380 -21.91 11.13 20.73
N ALA A 381 -22.87 10.80 21.60
CA ALA A 381 -22.89 9.51 22.25
C ALA A 381 -23.20 8.41 21.22
N GLY A 382 -22.49 7.30 21.33
CA GLY A 382 -22.64 6.21 20.38
C GLY A 382 -23.89 5.38 20.57
N ASP A 383 -24.11 4.44 19.65
CA ASP A 383 -25.30 3.60 19.65
C ASP A 383 -25.18 2.41 20.61
N TRP A 384 -24.09 2.37 21.38
CA TRP A 384 -23.95 1.31 22.38
C TRP A 384 -23.81 1.91 23.79
N CYS A 385 -24.24 1.14 24.79
CA CYS A 385 -24.33 1.66 26.16
C CYS A 385 -22.99 1.85 26.85
N VAL A 386 -22.96 2.84 27.74
CA VAL A 386 -21.90 2.95 28.74
C VAL A 386 -22.55 2.68 30.09
N PRO A 387 -21.79 2.09 31.03
CA PRO A 387 -22.26 1.80 32.39
C PRO A 387 -22.82 3.03 33.09
#